data_4X6S
#
_entry.id   4X6S
#
_cell.length_a   55.480
_cell.length_b   68.895
_cell.length_c   77.038
_cell.angle_alpha   90.00
_cell.angle_beta   90.00
_cell.angle_gamma   90.00
#
_symmetry.space_group_name_H-M   'P 21 21 21'
#
loop_
_entity.id
_entity.type
_entity.pdbx_description
1 polymer 'Growth factor receptor-bound protein 7'
2 polymer 'Phosphotyrosine mimetic inhibitor peptide G7-TEM1'
3 water water
#
loop_
_entity_poly.entity_id
_entity_poly.type
_entity_poly.pdbx_seq_one_letter_code
_entity_poly.pdbx_strand_id
1 'polypeptide(L)'
;AAIHRTQLWFHGRISREESQRLIGQQGLVDGLFLVRESQRNPQGFVLSLCHLQKVKHYLILPSEEEGRLYFSMDDGQTRF
TDLLQLVEFHQLNRGILPCLLRHCCTR
;
A,B
2 'polypeptide(L)' WFEG(1PA)DNTFP(48V) L,M
#
loop_
_chem_comp.id
_chem_comp.type
_chem_comp.name
_chem_comp.formula
48V peptide-like '{[(2R)-2,3-diamino-3-oxopropyl]sulfanyl}acetic acid' 'C5 H10 N2 O3 S'
#
# COMPACT_ATOMS: atom_id res chain seq x y z
N ALA A 2 3.08 -2.64 18.69
CA ALA A 2 3.39 -3.89 17.98
C ALA A 2 4.60 -3.71 17.06
N ILE A 3 4.35 -3.80 15.74
CA ILE A 3 5.41 -3.62 14.75
C ILE A 3 5.83 -2.14 14.63
N HIS A 4 5.08 -1.27 15.30
CA HIS A 4 5.28 0.17 15.19
C HIS A 4 5.99 0.81 16.37
N ARG A 5 6.11 0.09 17.48
CA ARG A 5 6.74 0.63 18.69
C ARG A 5 8.17 1.11 18.41
N THR A 6 8.86 0.37 17.56
CA THR A 6 10.27 0.64 17.28
C THR A 6 10.48 1.38 15.99
N GLN A 7 9.53 2.23 15.62
CA GLN A 7 9.65 3.06 14.41
C GLN A 7 9.84 4.53 14.77
N LEU A 8 10.77 5.20 14.09
CA LEU A 8 11.16 6.55 14.45
C LEU A 8 10.05 7.59 14.32
N TRP A 9 9.01 7.25 13.56
CA TRP A 9 7.91 8.18 13.35
C TRP A 9 6.78 7.94 14.34
N PHE A 10 6.90 6.91 15.18
CA PHE A 10 5.85 6.63 16.16
C PHE A 10 6.16 7.20 17.53
N HIS A 11 5.21 7.96 18.08
CA HIS A 11 5.44 8.70 19.32
C HIS A 11 4.50 8.31 20.44
N GLY A 12 3.76 7.21 20.29
CA GLY A 12 2.90 6.75 21.36
C GLY A 12 1.84 7.74 21.79
N ARG A 13 1.57 7.77 23.09
CA ARG A 13 0.55 8.65 23.64
C ARG A 13 1.09 10.05 23.92
N ILE A 14 1.00 10.94 22.95
CA ILE A 14 1.26 12.38 23.14
C ILE A 14 0.03 13.14 22.65
N SER A 15 -0.06 14.41 23.01
CA SER A 15 -1.26 15.20 22.67
C SER A 15 -1.17 15.83 21.30
N ARG A 16 -2.29 16.37 20.85
CA ARG A 16 -2.32 17.10 19.60
C ARG A 16 -1.45 18.35 19.71
N GLU A 17 -1.54 19.04 20.85
CA GLU A 17 -0.76 20.27 21.02
C GLU A 17 0.74 19.98 20.96
N GLU A 18 1.12 18.81 21.44
CA GLU A 18 2.52 18.46 21.46
C GLU A 18 3.07 17.99 20.13
N SER A 19 2.25 17.24 19.39
CA SER A 19 2.67 16.78 18.07
C SER A 19 2.88 17.98 17.16
N GLN A 20 2.06 19.01 17.36
CA GLN A 20 2.25 20.25 16.60
C GLN A 20 3.54 20.96 17.01
N ARG A 21 3.82 20.95 18.30
CA ARG A 21 5.00 21.63 18.81
C ARG A 21 6.26 20.86 18.43
N LEU A 22 6.16 19.53 18.30
CA LEU A 22 7.31 18.76 17.81
C LEU A 22 7.61 19.05 16.33
N ILE A 23 6.57 19.04 15.51
CA ILE A 23 6.72 19.34 14.08
C ILE A 23 7.17 20.78 13.87
N GLY A 24 6.64 21.68 14.69
CA GLY A 24 7.03 23.07 14.62
C GLY A 24 8.47 23.30 15.01
N GLN A 25 8.92 22.58 16.03
CA GLN A 25 10.30 22.74 16.50
C GLN A 25 11.27 22.06 15.53
N GLN A 26 10.72 21.58 14.41
CA GLN A 26 11.51 20.96 13.36
C GLN A 26 11.27 21.66 12.00
N GLY A 27 10.62 22.82 12.04
CA GLY A 27 10.61 23.74 10.91
C GLY A 27 9.40 23.90 9.99
N LEU A 28 8.31 23.18 10.31
CA LEU A 28 7.08 23.18 9.51
C LEU A 28 7.36 22.92 8.05
N VAL A 29 8.23 21.97 7.77
CA VAL A 29 8.56 21.62 6.40
C VAL A 29 7.41 20.80 5.85
N ASP A 30 7.15 20.94 4.55
CA ASP A 30 6.17 20.11 3.90
C ASP A 30 6.61 18.65 4.00
N GLY A 31 5.72 17.78 4.46
CA GLY A 31 6.04 16.37 4.50
C GLY A 31 6.47 15.82 5.84
N LEU A 32 6.62 16.71 6.83
CA LEU A 32 6.95 16.28 8.19
C LEU A 32 5.78 15.56 8.85
N PHE A 33 6.05 14.44 9.50
CA PHE A 33 4.96 13.66 10.06
C PHE A 33 5.40 12.80 11.23
N LEU A 34 4.43 12.41 12.05
CA LEU A 34 4.55 11.40 13.09
C LEU A 34 3.19 10.74 13.19
N VAL A 35 3.15 9.60 13.86
CA VAL A 35 1.92 8.90 14.18
C VAL A 35 1.85 8.80 15.69
N ARG A 36 0.68 9.04 16.27
CA ARG A 36 0.53 8.96 17.73
C ARG A 36 -0.73 8.20 18.14
N GLU A 37 -0.81 7.84 19.41
CA GLU A 37 -2.02 7.21 19.92
C GLU A 37 -3.07 8.29 20.06
N SER A 38 -4.28 8.00 19.62
CA SER A 38 -5.36 8.98 19.71
C SER A 38 -5.68 9.29 21.18
N GLN A 39 -5.89 10.57 21.48
CA GLN A 39 -6.21 11.02 22.83
C GLN A 39 -7.66 10.68 23.16
N ARG A 40 -8.57 11.08 22.26
CA ARG A 40 -9.98 10.79 22.45
C ARG A 40 -10.23 9.28 22.39
N ASN A 41 -9.74 8.68 21.31
CA ASN A 41 -10.01 7.29 21.01
C ASN A 41 -8.92 6.33 21.49
N PRO A 42 -9.28 5.44 22.40
CA PRO A 42 -8.32 4.49 23.00
C PRO A 42 -7.62 3.59 21.98
N GLN A 43 -8.38 2.91 21.13
CA GLN A 43 -7.76 1.97 20.20
C GLN A 43 -7.46 2.59 18.83
N GLY A 44 -7.44 3.92 18.75
CA GLY A 44 -7.19 4.61 17.50
C GLY A 44 -5.84 5.31 17.43
N PHE A 45 -5.45 5.75 16.23
CA PHE A 45 -4.19 6.47 16.06
C PHE A 45 -4.35 7.76 15.24
N VAL A 46 -3.43 8.70 15.40
CA VAL A 46 -3.48 9.91 14.60
C VAL A 46 -2.18 10.17 13.80
N LEU A 47 -2.35 10.31 12.49
CA LEU A 47 -1.27 10.77 11.65
C LEU A 47 -1.28 12.30 11.65
N SER A 48 -0.26 12.91 12.23
CA SER A 48 -0.09 14.36 12.24
C SER A 48 0.95 14.76 11.19
N LEU A 49 0.52 15.58 10.25
CA LEU A 49 1.29 15.91 9.05
C LEU A 49 1.33 17.42 8.79
N CYS A 50 2.48 17.90 8.32
CA CYS A 50 2.62 19.30 7.97
C CYS A 50 2.59 19.56 6.46
N HIS A 51 1.69 20.46 6.05
CA HIS A 51 1.55 20.85 4.65
C HIS A 51 1.13 22.33 4.53
N LEU A 52 1.85 23.08 3.69
CA LEU A 52 1.63 24.52 3.53
C LEU A 52 1.68 25.23 4.87
N GLN A 53 2.67 24.85 5.67
CA GLN A 53 2.91 25.43 6.97
C GLN A 53 1.74 25.35 7.94
N LYS A 54 0.82 24.42 7.71
CA LYS A 54 -0.23 24.09 8.68
C LYS A 54 -0.17 22.61 9.06
N VAL A 55 -0.32 22.30 10.35
CA VAL A 55 -0.35 20.91 10.79
C VAL A 55 -1.76 20.34 10.66
N LYS A 56 -1.88 19.20 9.98
CA LYS A 56 -3.16 18.54 9.82
C LYS A 56 -3.15 17.18 10.53
N HIS A 57 -4.32 16.72 10.92
CA HIS A 57 -4.45 15.51 11.74
C HIS A 57 -5.43 14.55 11.13
N TYR A 58 -4.99 13.31 10.91
CA TYR A 58 -5.79 12.31 10.23
C TYR A 58 -6.07 11.11 11.14
N LEU A 59 -7.36 10.85 11.38
CA LEU A 59 -7.73 9.76 12.28
C LEU A 59 -7.52 8.43 11.59
N ILE A 60 -6.84 7.53 12.30
CA ILE A 60 -6.62 6.15 11.88
C ILE A 60 -7.43 5.24 12.75
N LEU A 61 -8.38 4.54 12.15
CA LEU A 61 -9.27 3.66 12.90
C LEU A 61 -9.06 2.19 12.57
N PRO A 62 -9.08 1.34 13.62
CA PRO A 62 -9.07 -0.11 13.46
C PRO A 62 -10.43 -0.65 13.10
N SER A 63 -10.46 -1.69 12.27
CA SER A 63 -11.68 -2.41 11.96
C SER A 63 -11.39 -3.89 11.74
N GLU A 64 -12.42 -4.63 11.38
CA GLU A 64 -12.31 -6.06 11.19
C GLU A 64 -13.05 -6.53 9.95
N GLU A 65 -12.36 -7.34 9.15
CA GLU A 65 -12.95 -8.05 8.03
C GLU A 65 -12.80 -9.55 8.30
N GLU A 66 -13.90 -10.21 8.68
CA GLU A 66 -13.94 -11.66 8.90
C GLU A 66 -12.84 -12.11 9.89
N GLY A 67 -12.75 -11.43 11.01
CA GLY A 67 -11.78 -11.77 12.04
C GLY A 67 -10.39 -11.18 11.87
N ARG A 68 -10.14 -10.55 10.72
CA ARG A 68 -8.83 -9.95 10.50
C ARG A 68 -8.85 -8.43 10.65
N LEU A 69 -8.04 -7.97 11.60
CA LEU A 69 -7.86 -6.56 11.88
C LEU A 69 -7.15 -5.83 10.76
N TYR A 70 -7.69 -4.67 10.39
CA TYR A 70 -7.04 -3.73 9.50
C TYR A 70 -7.25 -2.30 10.00
N PHE A 71 -6.40 -1.40 9.54
CA PHE A 71 -6.54 0.01 9.88
C PHE A 71 -6.94 0.78 8.64
N SER A 72 -7.61 1.91 8.84
CA SER A 72 -8.05 2.74 7.71
C SER A 72 -8.19 4.18 8.13
N MET A 73 -8.09 5.10 7.16
CA MET A 73 -8.28 6.52 7.42
C MET A 73 -9.53 6.99 6.68
N ASP A 74 -10.14 6.09 5.92
CA ASP A 74 -11.30 6.47 5.11
C ASP A 74 -12.51 5.54 5.16
N ASP A 75 -12.82 5.02 6.34
CA ASP A 75 -13.94 4.11 6.50
C ASP A 75 -13.78 2.82 5.70
N GLY A 76 -12.56 2.31 5.67
CA GLY A 76 -12.30 1.03 5.06
C GLY A 76 -12.09 1.07 3.57
N GLN A 77 -12.12 2.27 2.99
CA GLN A 77 -11.88 2.37 1.56
C GLN A 77 -10.41 2.08 1.22
N THR A 78 -9.51 2.38 2.15
CA THR A 78 -8.10 2.04 1.97
C THR A 78 -7.63 1.39 3.26
N ARG A 79 -7.32 0.10 3.16
CA ARG A 79 -7.08 -0.72 4.35
C ARG A 79 -5.63 -1.13 4.46
N PHE A 80 -5.13 -1.22 5.68
CA PHE A 80 -3.75 -1.58 5.93
C PHE A 80 -3.69 -2.50 7.13
N THR A 81 -2.86 -3.54 7.09
CA THR A 81 -2.80 -4.51 8.18
C THR A 81 -2.23 -3.91 9.46
N ASP A 82 -1.35 -2.94 9.31
CA ASP A 82 -0.70 -2.27 10.44
C ASP A 82 -0.26 -0.85 10.05
N LEU A 83 0.27 -0.11 11.00
CA LEU A 83 0.64 1.28 10.74
C LEU A 83 1.86 1.40 9.83
N LEU A 84 2.74 0.40 9.87
CA LEU A 84 3.91 0.47 9.00
C LEU A 84 3.49 0.39 7.54
N GLN A 85 2.56 -0.51 7.23
CA GLN A 85 2.08 -0.62 5.87
C GLN A 85 1.45 0.71 5.42
N LEU A 86 0.69 1.32 6.33
CA LEU A 86 0.00 2.57 6.09
C LEU A 86 1.00 3.69 5.83
N VAL A 87 1.98 3.84 6.72
CA VAL A 87 3.03 4.85 6.57
C VAL A 87 3.87 4.65 5.29
N GLU A 88 4.28 3.42 5.04
CA GLU A 88 5.11 3.15 3.88
C GLU A 88 4.39 3.47 2.60
N PHE A 89 3.11 3.17 2.55
CA PHE A 89 2.35 3.41 1.33
C PHE A 89 2.30 4.89 1.02
N HIS A 90 2.10 5.71 2.06
CA HIS A 90 1.93 7.16 1.88
C HIS A 90 3.25 7.90 1.78
N GLN A 91 4.36 7.16 1.80
CA GLN A 91 5.62 7.78 1.49
C GLN A 91 5.77 7.86 -0.02
N LEU A 92 5.00 7.03 -0.73
CA LEU A 92 5.06 6.96 -2.19
C LEU A 92 3.80 7.50 -2.87
N ASN A 93 2.66 7.35 -2.18
CA ASN A 93 1.37 7.72 -2.70
C ASN A 93 0.64 8.64 -1.72
N ARG A 94 0.04 9.72 -2.21
CA ARG A 94 -0.75 10.65 -1.41
C ARG A 94 -2.03 10.04 -0.84
N GLY A 95 -2.79 9.36 -1.70
CA GLY A 95 -4.09 8.86 -1.31
C GLY A 95 -4.93 10.06 -0.93
N ILE A 96 -5.59 10.02 0.22
CA ILE A 96 -6.43 11.11 0.67
C ILE A 96 -5.63 12.27 1.30
N LEU A 97 -4.30 12.19 1.34
CA LEU A 97 -3.49 13.24 1.97
C LEU A 97 -3.09 14.30 0.94
N PRO A 98 -2.93 15.57 1.39
CA PRO A 98 -2.54 16.67 0.50
C PRO A 98 -1.10 16.57 -0.01
N CYS A 99 -0.26 15.77 0.66
CA CYS A 99 1.11 15.55 0.20
C CYS A 99 1.70 14.24 0.74
N LEU A 100 2.85 13.82 0.21
CA LEU A 100 3.49 12.60 0.65
C LEU A 100 4.08 12.75 2.04
N LEU A 101 4.17 11.63 2.75
CA LEU A 101 4.95 11.58 3.98
C LEU A 101 6.44 11.54 3.61
N ARG A 102 7.08 12.69 3.70
CA ARG A 102 8.40 12.91 3.13
C ARG A 102 9.55 12.86 4.15
N HIS A 103 9.39 13.56 5.28
CA HIS A 103 10.42 13.61 6.32
C HIS A 103 9.88 13.16 7.67
N CYS A 104 10.43 12.07 8.16
CA CYS A 104 10.02 11.52 9.44
C CYS A 104 10.39 12.47 10.61
N CYS A 105 9.37 12.93 11.34
CA CYS A 105 9.59 13.74 12.56
C CYS A 105 10.00 12.83 13.71
N THR A 106 11.25 12.94 14.11
CA THR A 106 11.89 11.89 14.91
C THR A 106 11.77 12.11 16.43
N ARG A 107 11.60 11.01 17.14
CA ARG A 107 11.73 10.94 18.59
C ARG A 107 11.71 9.47 19.01
N ALA B 1 16.86 -4.82 -3.03
CA ALA B 1 16.91 -6.25 -2.75
C ALA B 1 15.70 -6.98 -3.34
N ALA B 2 15.93 -8.18 -3.88
CA ALA B 2 14.87 -8.97 -4.53
C ALA B 2 14.13 -9.81 -3.50
N ILE B 3 13.40 -9.13 -2.62
CA ILE B 3 12.71 -9.75 -1.49
C ILE B 3 11.58 -10.67 -1.95
N HIS B 4 11.38 -10.78 -3.25
CA HIS B 4 10.27 -11.55 -3.76
C HIS B 4 10.70 -12.95 -4.11
N ARG B 5 12.02 -13.18 -4.24
CA ARG B 5 12.54 -14.49 -4.66
C ARG B 5 12.06 -15.59 -3.70
N THR B 6 11.92 -15.23 -2.42
CA THR B 6 11.53 -16.19 -1.39
C THR B 6 10.02 -16.15 -1.04
N GLN B 7 9.17 -15.75 -1.99
CA GLN B 7 7.75 -15.69 -1.72
C GLN B 7 7.07 -16.79 -2.50
N LEU B 8 6.10 -17.44 -1.88
CA LEU B 8 5.44 -18.59 -2.48
C LEU B 8 4.69 -18.24 -3.74
N TRP B 9 4.35 -16.96 -3.88
CA TRP B 9 3.57 -16.52 -5.04
C TRP B 9 4.44 -16.09 -6.18
N PHE B 10 5.76 -16.13 -6.00
CA PHE B 10 6.68 -15.80 -7.09
C PHE B 10 7.17 -17.06 -7.82
N HIS B 11 7.06 -17.06 -9.14
CA HIS B 11 7.31 -18.27 -9.93
C HIS B 11 8.43 -18.12 -10.96
N GLY B 12 9.13 -17.00 -10.90
CA GLY B 12 10.23 -16.75 -11.80
C GLY B 12 9.83 -16.71 -13.26
N ARG B 13 10.72 -17.20 -14.11
CA ARG B 13 10.53 -17.11 -15.54
C ARG B 13 9.63 -18.21 -16.06
N ILE B 14 8.33 -17.94 -16.06
CA ILE B 14 7.40 -18.83 -16.72
C ILE B 14 6.60 -18.03 -17.75
N SER B 15 5.96 -18.75 -18.64
CA SER B 15 5.22 -18.15 -19.76
C SER B 15 3.79 -17.80 -19.34
N ARG B 16 3.07 -17.05 -20.18
CA ARG B 16 1.69 -16.74 -19.88
C ARG B 16 0.86 -18.04 -19.86
N GLU B 17 1.12 -18.90 -20.84
CA GLU B 17 0.42 -20.16 -20.98
C GLU B 17 0.70 -21.05 -19.78
N GLU B 18 1.85 -20.89 -19.18
CA GLU B 18 2.21 -21.75 -18.07
C GLU B 18 1.54 -21.27 -16.79
N SER B 19 1.42 -19.96 -16.62
CA SER B 19 0.71 -19.41 -15.47
C SER B 19 -0.76 -19.79 -15.53
N GLN B 20 -1.31 -19.81 -16.75
CA GLN B 20 -2.69 -20.19 -16.92
C GLN B 20 -2.86 -21.65 -16.58
N ARG B 21 -1.91 -22.51 -16.93
CA ARG B 21 -2.03 -23.93 -16.58
C ARG B 21 -1.83 -24.18 -15.09
N LEU B 22 -1.00 -23.38 -14.42
CA LEU B 22 -0.84 -23.49 -12.97
C LEU B 22 -2.09 -23.05 -12.24
N ILE B 23 -2.66 -21.92 -12.63
CA ILE B 23 -3.89 -21.45 -12.01
C ILE B 23 -5.07 -22.39 -12.32
N GLY B 24 -5.10 -22.91 -13.54
CA GLY B 24 -6.10 -23.89 -13.92
C GLY B 24 -5.98 -25.13 -13.04
N GLN B 25 -4.75 -25.48 -12.63
CA GLN B 25 -4.54 -26.67 -11.82
C GLN B 25 -5.04 -26.51 -10.39
N GLN B 26 -5.59 -25.34 -10.06
CA GLN B 26 -6.08 -25.10 -8.70
C GLN B 26 -7.56 -24.70 -8.71
N GLY B 27 -8.20 -24.86 -9.86
CA GLY B 27 -9.65 -24.78 -9.90
C GLY B 27 -10.27 -23.50 -10.43
N LEU B 28 -9.43 -22.57 -10.87
CA LEU B 28 -9.90 -21.26 -11.34
C LEU B 28 -10.78 -20.58 -10.32
N VAL B 29 -10.35 -20.64 -9.07
CA VAL B 29 -11.06 -19.97 -7.99
C VAL B 29 -10.82 -18.46 -8.10
N ASP B 30 -11.82 -17.67 -7.74
CA ASP B 30 -11.64 -16.24 -7.71
C ASP B 30 -10.59 -15.88 -6.68
N GLY B 31 -9.63 -15.06 -7.09
CA GLY B 31 -8.60 -14.59 -6.18
C GLY B 31 -7.26 -15.31 -6.28
N LEU B 32 -7.18 -16.37 -7.06
CA LEU B 32 -5.92 -17.10 -7.26
C LEU B 32 -4.93 -16.23 -8.03
N PHE B 33 -3.67 -16.22 -7.60
CA PHE B 33 -2.69 -15.35 -8.26
C PHE B 33 -1.25 -15.82 -8.11
N LEU B 34 -0.42 -15.33 -9.01
CA LEU B 34 1.04 -15.50 -8.93
C LEU B 34 1.71 -14.28 -9.55
N VAL B 35 2.99 -14.10 -9.28
CA VAL B 35 3.80 -13.07 -9.95
C VAL B 35 4.95 -13.77 -10.68
N ARG B 36 5.19 -13.38 -11.92
CA ARG B 36 6.24 -14.00 -12.74
C ARG B 36 7.02 -12.93 -13.46
N GLU B 37 8.18 -13.31 -13.99
CA GLU B 37 8.96 -12.39 -14.83
C GLU B 37 8.36 -12.32 -16.22
N SER B 38 8.25 -11.10 -16.73
CA SER B 38 7.74 -10.85 -18.06
C SER B 38 8.64 -11.45 -19.14
N GLN B 39 7.99 -11.99 -20.17
CA GLN B 39 8.68 -12.52 -21.34
C GLN B 39 9.08 -11.38 -22.29
N ARG B 40 8.10 -10.55 -22.68
CA ARG B 40 8.34 -9.43 -23.59
C ARG B 40 9.29 -8.40 -22.98
N ASN B 41 8.95 -7.90 -21.80
CA ASN B 41 9.76 -6.89 -21.15
C ASN B 41 10.69 -7.50 -20.11
N PRO B 42 12.01 -7.37 -20.33
CA PRO B 42 13.08 -7.96 -19.50
C PRO B 42 12.99 -7.56 -18.04
N GLN B 43 12.87 -6.27 -17.78
CA GLN B 43 12.90 -5.74 -16.43
C GLN B 43 11.51 -5.67 -15.81
N GLY B 44 10.55 -6.37 -16.41
CA GLY B 44 9.18 -6.30 -15.96
C GLY B 44 8.70 -7.53 -15.23
N PHE B 45 7.54 -7.42 -14.61
CA PHE B 45 6.89 -8.57 -13.96
C PHE B 45 5.42 -8.57 -14.32
N VAL B 46 4.80 -9.74 -14.27
CA VAL B 46 3.38 -9.86 -14.52
C VAL B 46 2.67 -10.49 -13.33
N LEU B 47 1.65 -9.80 -12.86
CA LEU B 47 0.73 -10.34 -11.90
C LEU B 47 -0.40 -11.09 -12.67
N SER B 48 -0.42 -12.41 -12.56
CA SER B 48 -1.49 -13.17 -13.18
C SER B 48 -2.55 -13.54 -12.14
N LEU B 49 -3.78 -13.12 -12.41
CA LEU B 49 -4.86 -13.20 -11.42
C LEU B 49 -6.11 -13.88 -12.00
N CYS B 50 -6.77 -14.71 -11.19
CA CYS B 50 -8.01 -15.37 -11.62
C CYS B 50 -9.24 -14.71 -11.03
N HIS B 51 -10.13 -14.33 -11.92
CA HIS B 51 -11.39 -13.71 -11.54
C HIS B 51 -12.46 -14.17 -12.54
N LEU B 52 -13.60 -14.63 -12.02
CA LEU B 52 -14.69 -15.12 -12.87
C LEU B 52 -14.20 -16.18 -13.84
N GLN B 53 -13.39 -17.10 -13.37
CA GLN B 53 -12.95 -18.20 -14.20
C GLN B 53 -12.08 -17.84 -15.39
N LYS B 54 -11.71 -16.58 -15.49
CA LYS B 54 -10.82 -16.13 -16.54
C LYS B 54 -9.50 -15.66 -15.89
N VAL B 55 -8.37 -16.05 -16.47
CA VAL B 55 -7.07 -15.62 -15.99
C VAL B 55 -6.73 -14.27 -16.60
N LYS B 56 -6.41 -13.30 -15.76
CA LYS B 56 -6.02 -11.97 -16.23
C LYS B 56 -4.56 -11.63 -15.86
N HIS B 57 -3.96 -10.74 -16.65
CA HIS B 57 -2.55 -10.45 -16.53
C HIS B 57 -2.29 -8.96 -16.42
N TYR B 58 -1.62 -8.55 -15.37
CA TYR B 58 -1.37 -7.14 -15.13
C TYR B 58 0.13 -6.91 -15.13
N LEU B 59 0.58 -6.03 -16.02
CA LEU B 59 1.99 -5.74 -16.18
C LEU B 59 2.46 -4.89 -15.02
N ILE B 60 3.56 -5.29 -14.44
CA ILE B 60 4.14 -4.51 -13.36
C ILE B 60 5.40 -3.90 -13.88
N LEU B 61 5.47 -2.58 -13.93
CA LEU B 61 6.65 -1.93 -14.48
C LEU B 61 7.46 -1.17 -13.43
N PRO B 62 8.81 -1.31 -13.52
CA PRO B 62 9.84 -0.60 -12.74
C PRO B 62 10.06 0.78 -13.29
N SER B 63 10.34 1.73 -12.42
CA SER B 63 10.72 3.07 -12.85
C SER B 63 11.74 3.62 -11.86
N GLU B 64 12.12 4.87 -12.03
CA GLU B 64 13.10 5.48 -11.15
C GLU B 64 12.62 6.87 -10.77
N GLU B 65 12.60 7.11 -9.47
CA GLU B 65 12.33 8.44 -8.95
C GLU B 65 13.54 8.90 -8.14
N GLU B 66 14.33 9.79 -8.75
CA GLU B 66 15.51 10.37 -8.10
C GLU B 66 16.41 9.30 -7.51
N GLY B 67 16.73 8.28 -8.30
CA GLY B 67 17.66 7.23 -7.88
C GLY B 67 17.00 6.10 -7.12
N ARG B 68 15.72 6.29 -6.80
CA ARG B 68 14.95 5.31 -6.03
C ARG B 68 14.03 4.51 -6.93
N LEU B 69 14.25 3.21 -6.96
CA LEU B 69 13.42 2.32 -7.75
C LEU B 69 12.01 2.23 -7.17
N TYR B 70 11.00 2.20 -8.02
CA TYR B 70 9.67 1.81 -7.57
C TYR B 70 8.98 0.98 -8.66
N PHE B 71 7.97 0.22 -8.25
CA PHE B 71 7.17 -0.55 -9.19
C PHE B 71 5.77 0.00 -9.24
N SER B 72 5.12 -0.20 -10.38
CA SER B 72 3.76 0.27 -10.58
C SER B 72 3.04 -0.54 -11.66
N MET B 73 1.70 -0.58 -11.58
CA MET B 73 0.83 -1.25 -12.54
C MET B 73 -0.04 -0.24 -13.29
N ASP B 74 0.17 1.04 -13.01
CA ASP B 74 -0.63 2.10 -13.59
C ASP B 74 0.13 3.34 -14.06
N ASP B 75 1.31 3.15 -14.63
CA ASP B 75 2.13 4.27 -15.15
C ASP B 75 2.55 5.23 -14.04
N GLY B 76 2.83 4.69 -12.86
CA GLY B 76 3.29 5.47 -11.72
C GLY B 76 2.24 6.12 -10.83
N GLN B 77 0.96 5.88 -11.11
CA GLN B 77 -0.14 6.44 -10.30
C GLN B 77 -0.25 5.79 -8.91
N THR B 78 0.13 4.51 -8.83
CA THR B 78 0.18 3.82 -7.54
C THR B 78 1.54 3.12 -7.45
N ARG B 79 2.38 3.57 -6.51
CA ARG B 79 3.77 3.12 -6.50
C ARG B 79 4.09 2.22 -5.32
N PHE B 80 5.03 1.31 -5.51
CA PHE B 80 5.43 0.40 -4.48
C PHE B 80 6.96 0.21 -4.49
N THR B 81 7.59 0.14 -3.33
CA THR B 81 9.03 0.01 -3.30
C THR B 81 9.45 -1.33 -3.88
N ASP B 82 8.61 -2.35 -3.69
CA ASP B 82 8.91 -3.67 -4.19
C ASP B 82 7.62 -4.48 -4.38
N LEU B 83 7.78 -5.70 -4.89
CA LEU B 83 6.68 -6.60 -5.23
C LEU B 83 5.95 -7.10 -4.01
N LEU B 84 6.69 -7.25 -2.93
CA LEU B 84 6.05 -7.68 -1.70
C LEU B 84 5.09 -6.58 -1.24
N GLN B 85 5.52 -5.32 -1.31
CA GLN B 85 4.64 -4.22 -0.91
C GLN B 85 3.38 -4.22 -1.78
N LEU B 86 3.58 -4.40 -3.07
CA LEU B 86 2.52 -4.42 -4.07
C LEU B 86 1.54 -5.54 -3.81
N VAL B 87 2.05 -6.74 -3.63
CA VAL B 87 1.17 -7.88 -3.36
C VAL B 87 0.40 -7.71 -2.05
N GLU B 88 1.10 -7.31 -1.00
CA GLU B 88 0.47 -7.18 0.29
C GLU B 88 -0.66 -6.17 0.23
N PHE B 89 -0.45 -5.07 -0.50
CA PHE B 89 -1.46 -4.04 -0.57
C PHE B 89 -2.73 -4.58 -1.25
N HIS B 90 -2.55 -5.37 -2.31
CA HIS B 90 -3.69 -5.89 -3.09
C HIS B 90 -4.31 -7.15 -2.49
N GLN B 91 -3.80 -7.59 -1.33
CA GLN B 91 -4.47 -8.60 -0.55
C GLN B 91 -5.57 -7.94 0.28
N LEU B 92 -5.45 -6.63 0.53
CA LEU B 92 -6.47 -5.90 1.29
C LEU B 92 -7.29 -4.91 0.45
N ASN B 93 -6.70 -4.38 -0.61
CA ASN B 93 -7.37 -3.39 -1.47
C ASN B 93 -7.30 -3.81 -2.93
N ARG B 94 -8.42 -3.70 -3.65
CA ARG B 94 -8.49 -4.03 -5.07
C ARG B 94 -7.57 -3.13 -5.93
N GLY B 95 -7.63 -1.82 -5.67
CA GLY B 95 -6.96 -0.86 -6.52
C GLY B 95 -7.58 -0.98 -7.91
N ILE B 96 -6.71 -1.08 -8.91
CA ILE B 96 -7.13 -1.22 -10.29
C ILE B 96 -7.52 -2.64 -10.64
N LEU B 97 -7.52 -3.54 -9.66
CA LEU B 97 -7.82 -4.95 -9.91
C LEU B 97 -9.30 -5.25 -9.69
N PRO B 98 -9.83 -6.24 -10.42
CA PRO B 98 -11.25 -6.62 -10.31
C PRO B 98 -11.61 -7.35 -9.01
N CYS B 99 -10.61 -7.91 -8.33
CA CYS B 99 -10.83 -8.55 -7.03
C CYS B 99 -9.54 -8.59 -6.24
N LEU B 100 -9.62 -9.02 -4.99
CA LEU B 100 -8.46 -9.13 -4.12
C LEU B 100 -7.55 -10.29 -4.47
N LEU B 101 -6.27 -10.15 -4.15
CA LEU B 101 -5.34 -11.27 -4.21
C LEU B 101 -5.63 -12.14 -2.98
N ARG B 102 -6.38 -13.21 -3.19
CA ARG B 102 -6.95 -14.01 -2.10
C ARG B 102 -6.18 -15.29 -1.81
N HIS B 103 -5.90 -16.06 -2.87
CA HIS B 103 -5.23 -17.35 -2.73
C HIS B 103 -3.95 -17.44 -3.52
N CYS B 104 -2.86 -17.61 -2.80
CA CYS B 104 -1.56 -17.78 -3.42
C CYS B 104 -1.44 -19.13 -4.18
N CYS B 105 -1.20 -19.06 -5.48
CA CYS B 105 -0.86 -20.25 -6.25
C CYS B 105 0.64 -20.57 -6.09
N THR B 106 0.95 -21.68 -5.46
CA THR B 106 2.33 -21.92 -4.95
C THR B 106 3.26 -22.66 -5.94
N ARG B 107 4.55 -22.31 -5.91
CA ARG B 107 5.60 -23.10 -6.53
C ARG B 107 6.98 -22.60 -6.09
N TRP C 1 -16.60 12.26 6.77
CA TRP C 1 -15.48 12.85 7.50
C TRP C 1 -15.49 12.46 8.97
N PHE C 2 -14.48 12.91 9.69
CA PHE C 2 -14.44 12.73 11.15
C PHE C 2 -14.32 14.09 11.80
N GLU C 3 -15.35 14.49 12.52
CA GLU C 3 -15.33 15.80 13.15
C GLU C 3 -14.14 15.81 14.10
N GLY C 4 -13.39 16.92 14.12
CA GLY C 4 -12.22 16.98 14.96
C GLY C 4 -10.96 16.66 14.20
N 1PA C 5 -11.04 16.14 13.04
CA 1PA C 5 -9.97 15.50 12.35
CB 1PA C 5 -9.99 13.97 12.53
CG 1PA C 5 -9.60 13.57 13.93
CD1 1PA C 5 -8.27 13.42 14.28
CE1 1PA C 5 -7.92 13.06 15.57
CD2 1PA C 5 -10.56 13.38 14.91
CE2 1PA C 5 -10.21 13.02 16.21
CZ 1PA C 5 -8.89 12.86 16.55
CH 1PA C 5 -8.49 12.47 17.97
CO 1PA C 5 -7.15 13.03 18.42
O1 1PA C 5 -6.84 14.21 18.17
O2 1PA C 5 -6.40 12.26 19.08
C 1PA C 5 -9.84 15.95 10.93
O 1PA C 5 -10.85 16.37 10.40
N ASP C 6 -9.06 15.89 9.93
CA ASP C 6 -8.88 16.40 8.58
C ASP C 6 -9.14 15.40 7.48
N ASN C 7 -9.49 14.17 7.85
CA ASN C 7 -9.79 13.13 6.87
C ASN C 7 -10.83 13.64 5.89
N THR C 8 -10.46 13.61 4.62
CA THR C 8 -11.30 14.05 3.53
C THR C 8 -11.43 12.92 2.51
N PHE C 9 -12.62 12.36 2.38
CA PHE C 9 -12.77 11.25 1.47
C PHE C 9 -14.22 11.13 1.05
N PRO C 10 -14.49 10.43 -0.06
CA PRO C 10 -15.87 10.26 -0.51
C PRO C 10 -16.69 9.38 0.42
O10 48V C 11 -15.73 12.17 4.73
N01 48V C 11 -17.22 9.79 1.58
C02 48V C 11 -17.91 8.84 2.40
C03 48V C 11 -19.21 8.48 1.72
O04 48V C 11 -19.87 9.38 1.22
N05 48V C 11 -19.60 7.20 1.67
C06 48V C 11 -18.21 9.42 3.76
S07 48V C 11 -18.67 11.14 3.54
C08 48V C 11 -18.09 12.10 5.00
C09 48V C 11 -16.69 11.96 5.47
N TRP D 1 -3.78 2.20 -20.69
CA TRP D 1 -3.74 0.76 -20.62
C TRP D 1 -2.40 0.31 -21.18
N PHE D 2 -2.12 -0.99 -21.10
CA PHE D 2 -0.95 -1.58 -21.74
C PHE D 2 -1.43 -2.70 -22.67
N GLU D 3 -1.24 -2.55 -23.97
CA GLU D 3 -1.69 -3.54 -24.94
C GLU D 3 -1.03 -4.88 -24.67
N GLY D 4 -1.81 -5.96 -24.74
CA GLY D 4 -1.31 -7.28 -24.42
C GLY D 4 -1.67 -7.66 -22.99
N 1PA D 5 -2.18 -6.95 -22.08
CA 1PA D 5 -2.37 -6.78 -20.67
CB 1PA D 5 -1.18 -6.08 -20.03
CG 1PA D 5 0.11 -6.85 -20.16
CD1 1PA D 5 0.33 -8.04 -19.45
CE1 1PA D 5 1.54 -8.71 -19.61
CD2 1PA D 5 1.08 -6.38 -21.04
CE2 1PA D 5 2.27 -7.07 -21.21
CZ 1PA D 5 2.52 -8.24 -20.50
CH 1PA D 5 3.85 -8.94 -20.72
CO 1PA D 5 3.84 -10.45 -20.72
O1 1PA D 5 2.77 -11.11 -20.79
O2 1PA D 5 4.99 -10.97 -20.64
C 1PA D 5 -3.67 -6.14 -20.32
O 1PA D 5 -4.01 -5.14 -20.92
N ASP D 6 -4.06 -6.49 -19.15
CA ASP D 6 -5.39 -6.26 -18.64
C ASP D 6 -5.49 -5.05 -17.71
N ASN D 7 -4.39 -4.34 -17.54
CA ASN D 7 -4.34 -3.12 -16.76
C ASN D 7 -5.39 -2.11 -17.20
N THR D 8 -6.26 -1.69 -16.28
CA THR D 8 -7.26 -0.66 -16.55
C THR D 8 -7.12 0.47 -15.55
N PHE D 9 -6.71 1.63 -16.02
CA PHE D 9 -6.49 2.76 -15.16
C PHE D 9 -6.60 4.03 -16.00
N PRO D 10 -6.85 5.19 -15.35
CA PRO D 10 -6.93 6.47 -16.07
C PRO D 10 -5.62 6.84 -16.73
O10 48V D 11 -5.66 2.52 -19.53
N01 48V D 11 -5.76 7.23 -17.99
C02 48V D 11 -4.53 7.69 -18.55
C03 48V D 11 -4.70 9.17 -18.87
O04 48V D 11 -4.34 9.62 -19.95
N05 48V D 11 -5.27 9.96 -17.97
C06 48V D 11 -4.22 6.84 -19.76
S07 48V D 11 -5.45 5.52 -19.82
C08 48V D 11 -4.81 4.24 -20.92
C09 48V D 11 -4.71 2.98 -20.17
#